data_8VG5
#
_entry.id   8VG5
#
_cell.length_a   111.093
_cell.length_b   111.093
_cell.length_c   66.070
_cell.angle_alpha   90.00
_cell.angle_beta   90.00
_cell.angle_gamma   120.00
#
_symmetry.space_group_name_H-M   'P 63'
#
loop_
_entity.id
_entity.type
_entity.pdbx_description
1 polymer 'D-dopachrome decarboxylase'
2 non-polymer '4-(3-carboxyphenyl)pyridine-2,5-dicarboxylic acid'
3 non-polymer 'CITRIC ACID'
4 water water
#
_entity_poly.entity_id   1
_entity_poly.type   'polypeptide(L)'
_entity_poly.pdbx_seq_one_letter_code
;PFLELDTNLPANRVPAGLEKRLCAAAASILGKPADRVNVTVRPGLAMALSGSTEPCAQLSISSIGVVGTAEDNRSHSAHF
FEFLTKELALGQDRILIRFFPLESWQIGKIGTNMTFL
;
_entity_poly.pdbx_strand_id   A,B,C,D
#
loop_
_chem_comp.id
_chem_comp.type
_chem_comp.name
_chem_comp.formula
7L9 non-polymer '4-(3-carboxyphenyl)pyridine-2,5-dicarboxylic acid' 'C14 H9 N O6'
CIT non-polymer 'CITRIC ACID' 'C6 H8 O7'
#
# COMPACT_ATOMS: atom_id res chain seq x y z
N PRO A 1 14.07 22.94 -4.08
CA PRO A 1 13.67 22.92 -5.50
C PRO A 1 12.56 23.95 -5.80
N PHE A 2 12.46 24.33 -7.07
CA PHE A 2 11.53 25.38 -7.57
C PHE A 2 10.60 24.75 -8.61
N LEU A 3 9.32 24.67 -8.27
CA LEU A 3 8.26 24.09 -9.11
C LEU A 3 7.38 25.25 -9.61
N GLU A 4 7.18 25.31 -10.91
CA GLU A 4 6.27 26.29 -11.54
C GLU A 4 5.28 25.52 -12.41
N LEU A 5 3.99 25.67 -12.11
CA LEU A 5 2.86 24.99 -12.79
C LEU A 5 1.96 26.03 -13.46
N ASP A 6 1.92 26.02 -14.79
CA ASP A 6 0.99 26.84 -15.60
C ASP A 6 -0.18 25.93 -16.00
N THR A 7 -1.42 26.43 -15.95
CA THR A 7 -2.60 25.66 -16.42
C THR A 7 -3.62 26.62 -17.03
N ASN A 8 -4.42 26.08 -17.96
CA ASN A 8 -5.56 26.81 -18.55
C ASN A 8 -6.81 26.48 -17.73
N LEU A 9 -6.70 25.62 -16.72
CA LEU A 9 -7.83 25.46 -15.78
C LEU A 9 -8.05 26.81 -15.12
N PRO A 10 -9.30 27.30 -15.07
CA PRO A 10 -9.60 28.52 -14.33
C PRO A 10 -9.23 28.34 -12.84
N ALA A 11 -8.83 29.42 -12.17
CA ALA A 11 -8.42 29.40 -10.74
C ALA A 11 -9.51 28.69 -9.92
N ASN A 12 -10.79 28.90 -10.26
CA ASN A 12 -11.90 28.33 -9.43
C ASN A 12 -12.18 26.88 -9.80
N ARG A 13 -11.47 26.33 -10.79
CA ARG A 13 -11.55 24.91 -11.18
C ARG A 13 -10.33 24.15 -10.64
N VAL A 14 -9.33 24.85 -10.13
CA VAL A 14 -8.11 24.21 -9.56
C VAL A 14 -8.44 23.85 -8.12
N PRO A 15 -8.21 22.59 -7.69
CA PRO A 15 -8.44 22.20 -6.30
C PRO A 15 -7.84 23.17 -5.28
N ALA A 16 -8.61 23.56 -4.28
CA ALA A 16 -8.17 24.38 -3.13
C ALA A 16 -6.91 23.73 -2.54
N GLY A 17 -5.87 24.55 -2.36
CA GLY A 17 -4.62 24.11 -1.70
C GLY A 17 -3.76 23.22 -2.56
N LEU A 18 -3.96 23.19 -3.88
CA LEU A 18 -3.07 22.38 -4.77
C LEU A 18 -1.60 22.71 -4.48
N GLU A 19 -1.28 23.99 -4.22
CA GLU A 19 0.13 24.41 -4.05
C GLU A 19 0.70 23.70 -2.81
N LYS A 20 -0.13 23.44 -1.81
CA LYS A 20 0.32 22.79 -0.55
C LYS A 20 0.56 21.30 -0.82
N ARG A 21 -0.37 20.65 -1.51
CA ARG A 21 -0.26 19.19 -1.79
C ARG A 21 0.91 18.96 -2.76
N LEU A 22 1.14 19.88 -3.68
CA LEU A 22 2.24 19.71 -4.68
C LEU A 22 3.59 19.89 -3.96
N CYS A 23 3.64 20.83 -3.02
CA CYS A 23 4.85 21.08 -2.19
C CYS A 23 5.20 19.81 -1.40
N ALA A 24 4.25 19.24 -0.65
CA ALA A 24 4.49 18.02 0.17
C ALA A 24 4.86 16.84 -0.74
N ALA A 25 4.15 16.67 -1.88
CA ALA A 25 4.41 15.59 -2.86
C ALA A 25 5.83 15.72 -3.42
N ALA A 26 6.22 16.92 -3.82
CA ALA A 26 7.54 17.25 -4.39
C ALA A 26 8.65 16.91 -3.39
N ALA A 27 8.49 17.28 -2.12
CA ALA A 27 9.45 16.94 -1.03
C ALA A 27 9.63 15.42 -0.97
N SER A 28 8.51 14.67 -0.99
CA SER A 28 8.56 13.20 -0.90
C SER A 28 9.20 12.64 -2.18
N ILE A 29 8.81 13.12 -3.36
CA ILE A 29 9.28 12.61 -4.68
C ILE A 29 10.79 12.90 -4.83
N LEU A 30 11.19 14.15 -4.59
CA LEU A 30 12.56 14.63 -4.85
C LEU A 30 13.46 14.31 -3.65
N GLY A 31 12.88 13.83 -2.55
CA GLY A 31 13.64 13.47 -1.34
C GLY A 31 14.31 14.69 -0.73
N LYS A 32 13.62 15.84 -0.70
CA LYS A 32 14.12 17.10 -0.12
C LYS A 32 13.21 17.48 1.02
N PRO A 33 13.72 18.22 2.03
CA PRO A 33 12.88 18.69 3.13
C PRO A 33 11.89 19.73 2.56
N ALA A 34 10.68 19.71 3.10
CA ALA A 34 9.54 20.56 2.71
C ALA A 34 9.96 22.03 2.80
N ASP A 35 10.83 22.38 3.72
CA ASP A 35 11.17 23.81 3.96
C ASP A 35 12.15 24.31 2.87
N ARG A 36 12.55 23.47 1.92
CA ARG A 36 13.38 23.88 0.76
C ARG A 36 12.57 23.77 -0.53
N VAL A 37 11.28 23.48 -0.41
CA VAL A 37 10.38 23.26 -1.58
C VAL A 37 9.55 24.52 -1.83
N ASN A 38 9.57 24.95 -3.08
CA ASN A 38 8.90 26.19 -3.56
C ASN A 38 7.99 25.79 -4.70
N VAL A 39 6.71 26.19 -4.63
CA VAL A 39 5.70 25.87 -5.68
C VAL A 39 5.01 27.16 -6.09
N THR A 40 4.86 27.38 -7.41
CA THR A 40 4.05 28.49 -7.99
C THR A 40 3.05 27.85 -8.95
N VAL A 41 1.78 28.17 -8.76
CA VAL A 41 0.66 27.79 -9.66
C VAL A 41 0.07 29.05 -10.27
N ARG A 42 0.02 29.07 -11.59
CA ARG A 42 -0.53 30.15 -12.41
C ARG A 42 -1.66 29.54 -13.22
N PRO A 43 -2.90 29.64 -12.69
CA PRO A 43 -4.09 29.16 -13.38
C PRO A 43 -4.73 30.21 -14.29
N GLY A 44 -5.76 29.81 -15.05
CA GLY A 44 -6.58 30.69 -15.90
C GLY A 44 -5.85 31.25 -17.12
N LEU A 45 -4.75 30.63 -17.53
CA LEU A 45 -3.90 31.09 -18.65
C LEU A 45 -4.52 30.59 -19.95
N ALA A 46 -4.16 31.17 -21.07
CA ALA A 46 -4.57 30.59 -22.36
C ALA A 46 -3.44 29.67 -22.81
N MET A 47 -3.74 28.40 -23.07
CA MET A 47 -2.66 27.41 -23.34
C MET A 47 -3.07 26.45 -24.46
N ALA A 48 -2.04 26.15 -25.24
CA ALA A 48 -2.11 25.08 -26.23
C ALA A 48 -0.96 24.12 -25.86
N LEU A 49 -1.26 22.83 -25.74
CA LEU A 49 -0.22 21.82 -25.43
C LEU A 49 -0.33 20.72 -26.48
N SER A 50 0.80 20.35 -27.07
CA SER A 50 0.80 19.37 -28.17
C SER A 50 -0.22 19.82 -29.23
N GLY A 51 -0.33 21.13 -29.45
CA GLY A 51 -1.16 21.68 -30.53
C GLY A 51 -2.62 21.91 -30.19
N SER A 52 -3.06 21.58 -28.98
CA SER A 52 -4.51 21.63 -28.64
C SER A 52 -4.80 22.45 -27.38
N THR A 53 -6.02 22.96 -27.29
CA THR A 53 -6.41 23.86 -26.17
C THR A 53 -7.31 23.12 -25.16
N GLU A 54 -7.29 21.81 -25.16
CA GLU A 54 -8.01 21.09 -24.07
C GLU A 54 -7.30 21.39 -22.76
N PRO A 55 -7.94 21.19 -21.60
CA PRO A 55 -7.25 21.39 -20.34
C PRO A 55 -5.87 20.71 -20.38
N CYS A 56 -4.88 21.42 -19.86
CA CYS A 56 -3.48 20.94 -19.77
C CYS A 56 -2.73 21.64 -18.65
N ALA A 57 -1.51 21.18 -18.43
CA ALA A 57 -0.59 21.78 -17.45
C ALA A 57 0.86 21.57 -17.89
N GLN A 58 1.69 22.58 -17.64
CA GLN A 58 3.15 22.56 -17.84
C GLN A 58 3.80 22.71 -16.48
N LEU A 59 4.70 21.79 -16.15
CA LEU A 59 5.43 21.83 -14.86
C LEU A 59 6.91 22.01 -15.18
N SER A 60 7.50 23.05 -14.62
CA SER A 60 8.96 23.27 -14.58
C SER A 60 9.49 22.89 -13.19
N ILE A 61 10.57 22.12 -13.16
CA ILE A 61 11.25 21.75 -11.89
C ILE A 61 12.70 22.19 -12.01
N SER A 62 13.11 23.11 -11.16
CA SER A 62 14.49 23.65 -11.11
C SER A 62 15.12 23.32 -9.77
N SER A 63 16.32 22.75 -9.79
CA SER A 63 17.01 22.32 -8.56
C SER A 63 18.51 22.13 -8.80
N ILE A 64 19.30 22.37 -7.75
CA ILE A 64 20.72 21.93 -7.67
C ILE A 64 20.75 20.43 -7.90
N GLY A 65 19.69 19.72 -7.46
CA GLY A 65 19.58 18.26 -7.53
C GLY A 65 19.51 17.68 -8.95
N VAL A 66 19.22 18.47 -9.99
CA VAL A 66 18.88 17.93 -11.35
C VAL A 66 20.15 17.42 -12.04
N VAL A 67 20.13 16.16 -12.43
CA VAL A 67 21.23 15.42 -13.12
C VAL A 67 20.83 15.31 -14.59
N GLY A 68 21.73 15.67 -15.51
CA GLY A 68 21.44 15.81 -16.94
C GLY A 68 21.35 14.46 -17.67
N THR A 69 20.54 13.52 -17.16
CA THR A 69 20.15 12.26 -17.86
C THR A 69 18.64 12.07 -17.72
N ALA A 70 18.03 11.44 -18.74
CA ALA A 70 16.60 11.07 -18.75
C ALA A 70 16.31 10.18 -17.53
N GLU A 71 17.18 9.19 -17.32
CA GLU A 71 16.95 8.09 -16.35
C GLU A 71 16.98 8.66 -14.93
N ASP A 72 17.83 9.66 -14.69
CA ASP A 72 17.97 10.28 -13.35
C ASP A 72 16.65 10.95 -12.95
N ASN A 73 15.84 11.37 -13.94
CA ASN A 73 14.63 12.20 -13.75
C ASN A 73 13.35 11.39 -14.00
N ARG A 74 13.45 10.18 -14.59
CA ARG A 74 12.29 9.43 -15.11
C ARG A 74 11.37 9.02 -13.95
N SER A 75 11.91 8.56 -12.82
CA SER A 75 11.11 8.19 -11.64
C SER A 75 10.39 9.42 -11.05
N HIS A 76 11.07 10.56 -11.05
CA HIS A 76 10.50 11.86 -10.59
C HIS A 76 9.32 12.23 -11.52
N SER A 77 9.57 12.24 -12.82
CA SER A 77 8.57 12.57 -13.86
C SER A 77 7.32 11.70 -13.68
N ALA A 78 7.52 10.38 -13.56
CA ALA A 78 6.42 9.41 -13.41
C ALA A 78 5.57 9.85 -12.23
N HIS A 79 6.18 10.19 -11.09
CA HIS A 79 5.43 10.57 -9.86
C HIS A 79 4.64 11.86 -10.09
N PHE A 80 5.24 12.85 -10.77
CA PHE A 80 4.61 14.17 -11.00
C PHE A 80 3.42 14.01 -11.96
N PHE A 81 3.54 13.16 -12.98
CA PHE A 81 2.38 12.84 -13.86
C PHE A 81 1.26 12.20 -13.04
N GLU A 82 1.62 11.31 -12.14
CA GLU A 82 0.60 10.60 -11.33
C GLU A 82 -0.10 11.62 -10.41
N PHE A 83 0.66 12.58 -9.91
CA PHE A 83 0.10 13.59 -8.98
C PHE A 83 -0.84 14.51 -9.75
N LEU A 84 -0.39 15.01 -10.90
CA LEU A 84 -1.17 16.04 -11.63
C LEU A 84 -2.41 15.44 -12.31
N THR A 85 -2.29 14.22 -12.84
CA THR A 85 -3.45 13.54 -13.46
C THR A 85 -4.59 13.41 -12.45
N LYS A 86 -4.25 13.11 -11.20
CA LYS A 86 -5.31 12.86 -10.20
C LYS A 86 -5.86 14.18 -9.65
N GLU A 87 -4.98 15.17 -9.44
CA GLU A 87 -5.45 16.47 -8.91
C GLU A 87 -6.27 17.23 -9.94
N LEU A 88 -5.82 17.28 -11.20
CA LEU A 88 -6.45 18.14 -12.21
C LEU A 88 -7.28 17.33 -13.23
N ALA A 89 -7.45 16.04 -13.02
CA ALA A 89 -8.22 15.14 -13.91
C ALA A 89 -7.79 15.36 -15.36
N LEU A 90 -6.47 15.45 -15.57
CA LEU A 90 -5.84 15.55 -16.90
C LEU A 90 -5.39 14.16 -17.32
N GLY A 91 -5.52 13.84 -18.60
CA GLY A 91 -4.86 12.66 -19.17
C GLY A 91 -3.36 12.85 -19.20
N GLN A 92 -2.62 11.74 -19.29
CA GLN A 92 -1.14 11.72 -19.36
C GLN A 92 -0.64 12.60 -20.50
N ASP A 93 -1.40 12.73 -21.60
CA ASP A 93 -0.96 13.45 -22.82
C ASP A 93 -1.22 14.95 -22.65
N ARG A 94 -1.77 15.39 -21.52
CA ARG A 94 -2.13 16.83 -21.32
C ARG A 94 -1.17 17.50 -20.31
N ILE A 95 -0.09 16.81 -19.95
CA ILE A 95 0.96 17.31 -19.03
C ILE A 95 2.32 17.19 -19.73
N LEU A 96 3.18 18.20 -19.58
CA LEU A 96 4.59 18.15 -19.96
C LEU A 96 5.41 18.70 -18.80
N ILE A 97 6.53 18.06 -18.53
CA ILE A 97 7.45 18.45 -17.43
C ILE A 97 8.77 18.86 -18.07
N ARG A 98 9.38 19.94 -17.58
CA ARG A 98 10.74 20.34 -17.99
C ARG A 98 11.60 20.47 -16.73
N PHE A 99 12.79 19.86 -16.76
CA PHE A 99 13.80 19.85 -15.67
C PHE A 99 14.95 20.79 -16.03
N PHE A 100 15.33 21.64 -15.09
CA PHE A 100 16.38 22.68 -15.26
C PHE A 100 17.36 22.57 -14.12
N PRO A 101 18.65 22.32 -14.40
CA PRO A 101 19.67 22.36 -13.36
C PRO A 101 19.87 23.80 -12.89
N LEU A 102 20.17 23.96 -11.61
CA LEU A 102 20.63 25.21 -10.95
C LEU A 102 21.97 24.93 -10.26
N GLU A 103 22.73 25.99 -10.04
CA GLU A 103 23.91 25.97 -9.16
C GLU A 103 23.67 26.94 -8.01
N SER A 104 24.31 26.68 -6.88
CA SER A 104 24.13 27.38 -5.58
C SER A 104 24.26 28.90 -5.79
N TRP A 105 25.24 29.34 -6.58
CA TRP A 105 25.54 30.78 -6.76
C TRP A 105 24.30 31.49 -7.33
N GLN A 106 23.42 30.79 -8.03
CA GLN A 106 22.27 31.44 -8.72
C GLN A 106 21.16 31.77 -7.73
N ILE A 107 21.26 31.24 -6.51
CA ILE A 107 20.15 31.40 -5.54
C ILE A 107 20.49 32.44 -4.48
N GLY A 108 19.65 33.48 -4.40
CA GLY A 108 19.87 34.58 -3.44
C GLY A 108 18.94 34.51 -2.24
N LYS A 109 19.49 34.24 -1.06
CA LYS A 109 18.64 34.28 0.15
C LYS A 109 19.23 35.31 1.11
N ILE A 110 18.40 35.84 2.03
CA ILE A 110 18.85 36.80 3.09
C ILE A 110 17.68 37.71 3.46
N PRO B 1 7.16 6.17 5.08
CA PRO B 1 7.12 4.83 4.52
C PRO B 1 6.20 3.83 5.27
N PHE B 2 5.77 2.79 4.55
CA PHE B 2 4.91 1.76 5.16
C PHE B 2 5.63 0.41 5.13
N LEU B 3 5.91 -0.12 6.32
CA LEU B 3 6.54 -1.45 6.42
C LEU B 3 5.54 -2.45 7.04
N GLU B 4 5.40 -3.62 6.42
CA GLU B 4 4.56 -4.69 7.00
C GLU B 4 5.44 -5.94 7.18
N LEU B 5 5.45 -6.47 8.39
CA LEU B 5 6.27 -7.64 8.79
C LEU B 5 5.36 -8.74 9.31
N ASP B 6 5.25 -9.81 8.54
CA ASP B 6 4.53 -11.07 8.85
C ASP B 6 5.56 -12.11 9.32
N THR B 7 5.38 -12.76 10.47
CA THR B 7 6.31 -13.80 10.94
C THR B 7 5.52 -14.94 11.58
N ASN B 8 6.05 -16.16 11.51
CA ASN B 8 5.48 -17.35 12.21
C ASN B 8 6.19 -17.53 13.55
N LEU B 9 7.14 -16.67 13.91
CA LEU B 9 7.56 -16.59 15.34
C LEU B 9 6.34 -16.16 16.16
N PRO B 10 6.04 -16.86 17.27
CA PRO B 10 4.97 -16.43 18.15
C PRO B 10 5.33 -15.06 18.74
N ALA B 11 4.33 -14.32 19.19
CA ALA B 11 4.47 -12.96 19.74
C ALA B 11 5.55 -12.94 20.84
N ASN B 12 5.65 -14.00 21.66
CA ASN B 12 6.55 -14.02 22.83
C ASN B 12 7.99 -14.41 22.42
N ARG B 13 8.23 -14.65 21.13
CA ARG B 13 9.60 -14.81 20.54
C ARG B 13 9.89 -13.64 19.61
N VAL B 14 9.04 -12.62 19.59
CA VAL B 14 9.38 -11.33 18.92
C VAL B 14 9.79 -10.36 20.02
N PRO B 15 11.09 -10.09 20.20
CA PRO B 15 11.54 -9.25 21.31
C PRO B 15 10.75 -7.93 21.41
N ALA B 16 10.37 -7.60 22.64
CA ALA B 16 9.59 -6.38 22.97
C ALA B 16 10.29 -5.18 22.33
N GLY B 17 9.54 -4.33 21.65
CA GLY B 17 10.11 -3.11 21.05
C GLY B 17 10.56 -3.26 19.61
N LEU B 18 10.34 -4.41 19.01
CA LEU B 18 10.81 -4.65 17.63
C LEU B 18 10.21 -3.58 16.71
N GLU B 19 8.93 -3.28 17.00
CA GLU B 19 8.25 -2.33 16.06
C GLU B 19 8.92 -0.95 16.19
N LYS B 20 9.26 -0.55 17.36
CA LYS B 20 9.96 0.74 17.60
C LYS B 20 11.35 0.73 16.95
N ARG B 21 12.09 -0.35 17.12
CA ARG B 21 13.46 -0.40 16.56
C ARG B 21 13.42 -0.51 15.02
N LEU B 22 12.44 -1.24 14.47
CA LEU B 22 12.30 -1.33 12.98
C LEU B 22 11.92 0.06 12.44
N CYS B 23 11.12 0.80 13.20
CA CYS B 23 10.70 2.16 12.80
C CYS B 23 11.91 3.09 12.71
N ALA B 24 12.76 3.08 13.74
CA ALA B 24 13.99 3.90 13.79
C ALA B 24 14.92 3.45 12.67
N ALA B 25 15.07 2.14 12.45
CA ALA B 25 15.98 1.60 11.42
C ALA B 25 15.49 2.02 10.02
N ALA B 26 14.19 1.92 9.76
CA ALA B 26 13.57 2.35 8.48
C ALA B 26 13.86 3.83 8.23
N ALA B 27 13.68 4.67 9.25
CA ALA B 27 13.88 6.14 9.14
C ALA B 27 15.31 6.40 8.63
N SER B 28 16.30 5.77 9.28
CA SER B 28 17.74 5.90 8.95
C SER B 28 18.05 5.27 7.59
N ILE B 29 17.66 4.02 7.36
CA ILE B 29 17.98 3.30 6.09
C ILE B 29 17.38 4.06 4.88
N LEU B 30 16.10 4.45 4.96
CA LEU B 30 15.40 5.09 3.82
C LEU B 30 15.69 6.60 3.80
N GLY B 31 16.24 7.15 4.88
CA GLY B 31 16.58 8.58 4.97
C GLY B 31 15.34 9.45 5.14
N LYS B 32 14.28 8.90 5.74
CA LYS B 32 12.99 9.61 5.96
C LYS B 32 12.87 9.95 7.43
N PRO B 33 12.10 11.01 7.78
CA PRO B 33 11.89 11.34 9.18
C PRO B 33 11.02 10.26 9.85
N ALA B 34 11.30 9.98 11.11
CA ALA B 34 10.68 8.88 11.88
C ALA B 34 9.17 9.13 11.95
N ASP B 35 8.76 10.41 11.95
CA ASP B 35 7.33 10.80 12.12
C ASP B 35 6.55 10.49 10.84
N ARG B 36 7.21 9.99 9.78
CA ARG B 36 6.58 9.58 8.49
C ARG B 36 6.68 8.06 8.32
N VAL B 37 7.13 7.39 9.39
CA VAL B 37 7.36 5.92 9.27
C VAL B 37 6.26 5.15 9.97
N ASN B 38 5.74 4.17 9.25
CA ASN B 38 4.67 3.30 9.76
C ASN B 38 5.15 1.86 9.73
N VAL B 39 4.99 1.15 10.85
CA VAL B 39 5.40 -0.27 10.95
C VAL B 39 4.25 -1.14 11.49
N THR B 40 3.97 -2.25 10.80
CA THR B 40 2.92 -3.20 11.25
C THR B 40 3.55 -4.60 11.35
N VAL B 41 3.62 -5.13 12.56
CA VAL B 41 4.18 -6.49 12.81
C VAL B 41 3.04 -7.45 13.16
N ARG B 42 2.96 -8.58 12.47
CA ARG B 42 1.90 -9.61 12.66
C ARG B 42 2.60 -10.91 13.02
N PRO B 43 2.82 -11.21 14.33
CA PRO B 43 3.48 -12.45 14.73
C PRO B 43 2.47 -13.58 14.85
N GLY B 44 2.97 -14.79 15.10
CA GLY B 44 2.16 -15.97 15.43
C GLY B 44 1.37 -16.49 14.24
N LEU B 45 1.76 -16.12 13.02
CA LEU B 45 1.05 -16.54 11.79
C LEU B 45 1.53 -17.95 11.44
N ALA B 46 0.84 -18.55 10.47
CA ALA B 46 1.25 -19.87 9.94
C ALA B 46 1.86 -19.58 8.57
N MET B 47 3.14 -19.85 8.42
CA MET B 47 3.84 -19.46 7.18
C MET B 47 4.73 -20.59 6.67
N ALA B 48 4.77 -20.72 5.36
CA ALA B 48 5.85 -21.39 4.60
C ALA B 48 6.57 -20.30 3.82
N LEU B 49 7.91 -20.26 3.90
CA LEU B 49 8.77 -19.38 3.08
C LEU B 49 9.78 -20.26 2.34
N SER B 50 9.81 -20.14 1.02
CA SER B 50 10.71 -21.02 0.23
C SER B 50 10.38 -22.48 0.54
N GLY B 51 9.09 -22.82 0.68
CA GLY B 51 8.65 -24.21 0.86
C GLY B 51 8.74 -24.76 2.28
N SER B 52 9.32 -24.02 3.22
CA SER B 52 9.58 -24.50 4.60
C SER B 52 8.74 -23.72 5.63
N THR B 53 8.25 -24.40 6.67
CA THR B 53 7.47 -23.76 7.76
C THR B 53 8.39 -23.41 8.94
N GLU B 54 9.70 -23.52 8.77
CA GLU B 54 10.68 -23.10 9.81
C GLU B 54 10.45 -21.61 10.10
N PRO B 55 10.79 -21.11 11.30
CA PRO B 55 10.69 -19.69 11.56
C PRO B 55 11.19 -18.85 10.37
N CYS B 56 10.40 -17.83 10.04
CA CYS B 56 10.64 -16.96 8.86
C CYS B 56 9.91 -15.64 9.05
N ALA B 57 10.25 -14.66 8.20
CA ALA B 57 9.55 -13.36 8.17
C ALA B 57 9.47 -12.86 6.72
N GLN B 58 8.35 -12.23 6.39
CA GLN B 58 8.12 -11.51 5.13
C GLN B 58 8.08 -10.02 5.46
N LEU B 59 8.90 -9.21 4.80
CA LEU B 59 8.82 -7.74 4.97
C LEU B 59 8.36 -7.06 3.68
N SER B 60 7.41 -6.13 3.81
CA SER B 60 6.95 -5.33 2.66
C SER B 60 7.31 -3.87 2.95
N ILE B 61 7.88 -3.20 1.96
CA ILE B 61 8.29 -1.77 2.11
C ILE B 61 7.64 -0.96 0.97
N SER B 62 6.86 0.05 1.34
CA SER B 62 6.18 0.94 0.37
C SER B 62 6.58 2.36 0.70
N SER B 63 7.01 3.15 -0.29
CA SER B 63 7.41 4.57 -0.12
C SER B 63 7.34 5.27 -1.48
N ILE B 64 6.95 6.53 -1.49
CA ILE B 64 7.04 7.40 -2.70
C ILE B 64 8.50 7.41 -3.14
N GLY B 65 9.46 7.31 -2.21
CA GLY B 65 10.91 7.23 -2.48
C GLY B 65 11.39 5.92 -3.13
N VAL B 66 10.61 4.84 -3.15
CA VAL B 66 11.06 3.55 -3.77
C VAL B 66 11.13 3.75 -5.29
N VAL B 67 12.29 3.45 -5.87
CA VAL B 67 12.48 3.52 -7.34
C VAL B 67 12.35 2.09 -7.90
N GLY B 68 11.69 1.95 -9.05
CA GLY B 68 11.45 0.64 -9.67
C GLY B 68 12.75 0.17 -10.28
N THR B 69 13.73 -0.17 -9.46
CA THR B 69 15.02 -0.69 -9.93
C THR B 69 15.51 -1.64 -8.84
N ALA B 70 16.10 -2.76 -9.21
CA ALA B 70 16.71 -3.67 -8.22
C ALA B 70 17.90 -2.97 -7.61
N GLU B 71 18.72 -2.38 -8.47
CA GLU B 71 19.95 -1.71 -7.99
C GLU B 71 19.57 -0.64 -6.98
N ASP B 72 18.52 0.09 -7.28
CA ASP B 72 18.14 1.23 -6.41
C ASP B 72 17.79 0.76 -5.00
N ASN B 73 17.34 -0.49 -4.86
CA ASN B 73 16.86 -1.01 -3.54
C ASN B 73 17.81 -2.06 -2.97
N ARG B 74 18.87 -2.40 -3.70
CA ARG B 74 19.76 -3.48 -3.20
C ARG B 74 20.36 -3.05 -1.85
N SER B 75 20.74 -1.79 -1.73
CA SER B 75 21.40 -1.26 -0.50
C SER B 75 20.41 -1.32 0.66
N HIS B 76 19.19 -0.82 0.43
CA HIS B 76 18.10 -0.80 1.43
C HIS B 76 17.86 -2.23 1.91
N SER B 77 17.76 -3.16 0.97
CA SER B 77 17.53 -4.60 1.20
C SER B 77 18.65 -5.17 2.10
N ALA B 78 19.92 -4.97 1.72
CA ALA B 78 21.07 -5.40 2.56
C ALA B 78 20.90 -4.91 4.00
N HIS B 79 20.60 -3.62 4.21
CA HIS B 79 20.41 -3.01 5.56
C HIS B 79 19.24 -3.66 6.31
N PHE B 80 18.11 -3.90 5.66
CA PHE B 80 16.93 -4.50 6.35
C PHE B 80 17.19 -5.97 6.68
N PHE B 81 17.92 -6.69 5.82
CA PHE B 81 18.37 -8.07 6.13
C PHE B 81 19.27 -8.02 7.36
N GLU B 82 20.19 -7.08 7.40
CA GLU B 82 21.14 -6.96 8.54
C GLU B 82 20.35 -6.71 9.82
N PHE B 83 19.39 -5.80 9.77
CA PHE B 83 18.50 -5.49 10.91
C PHE B 83 17.72 -6.76 11.32
N LEU B 84 16.99 -7.38 10.38
CA LEU B 84 16.04 -8.46 10.70
C LEU B 84 16.76 -9.77 11.09
N THR B 85 17.89 -10.13 10.47
CA THR B 85 18.57 -11.41 10.82
C THR B 85 18.99 -11.35 12.29
N LYS B 86 19.44 -10.20 12.77
CA LYS B 86 19.82 -10.02 14.20
C LYS B 86 18.56 -9.90 15.08
N GLU B 87 17.61 -9.02 14.75
CA GLU B 87 16.46 -8.71 15.64
C GLU B 87 15.51 -9.91 15.78
N LEU B 88 15.38 -10.71 14.73
CA LEU B 88 14.46 -11.87 14.77
C LEU B 88 15.25 -13.16 14.91
N ALA B 89 16.58 -13.07 14.97
CA ALA B 89 17.49 -14.23 15.06
C ALA B 89 17.07 -15.23 13.96
N LEU B 90 17.05 -14.76 12.72
CA LEU B 90 16.68 -15.61 11.56
C LEU B 90 17.84 -15.62 10.57
N GLY B 91 18.09 -16.75 9.93
CA GLY B 91 19.00 -16.83 8.78
C GLY B 91 18.54 -15.95 7.61
N GLN B 92 19.48 -15.58 6.74
CA GLN B 92 19.25 -14.79 5.50
C GLN B 92 18.16 -15.47 4.65
N ASP B 93 18.18 -16.80 4.63
CA ASP B 93 17.28 -17.63 3.78
C ASP B 93 15.86 -17.65 4.36
N ARG B 94 15.63 -17.18 5.58
CA ARG B 94 14.29 -17.24 6.22
C ARG B 94 13.61 -15.85 6.15
N ILE B 95 14.19 -14.94 5.38
CA ILE B 95 13.64 -13.56 5.22
C ILE B 95 13.52 -13.25 3.72
N LEU B 96 12.37 -12.72 3.30
CA LEU B 96 12.18 -12.15 1.95
C LEU B 96 11.62 -10.74 2.12
N ILE B 97 12.05 -9.87 1.22
CA ILE B 97 11.55 -8.48 1.21
C ILE B 97 10.94 -8.16 -0.16
N ARG B 98 9.79 -7.48 -0.11
CA ARG B 98 9.13 -6.97 -1.32
C ARG B 98 9.06 -5.44 -1.24
N PHE B 99 9.48 -4.75 -2.29
CA PHE B 99 9.40 -3.27 -2.43
C PHE B 99 8.19 -2.95 -3.31
N PHE B 100 7.46 -1.90 -2.92
CA PHE B 100 6.28 -1.40 -3.67
C PHE B 100 6.42 0.10 -3.88
N PRO B 101 6.17 0.61 -5.09
CA PRO B 101 6.10 2.06 -5.28
C PRO B 101 4.79 2.56 -4.63
N LEU B 102 4.75 3.83 -4.23
CA LEU B 102 3.57 4.52 -3.67
C LEU B 102 3.39 5.85 -4.43
N GLU B 103 2.12 6.27 -4.53
CA GLU B 103 1.77 7.60 -5.07
C GLU B 103 1.04 8.34 -3.93
N SER B 104 1.26 9.62 -3.80
CA SER B 104 0.66 10.41 -2.70
C SER B 104 -0.87 10.28 -2.71
N TRP B 105 -1.47 10.11 -3.88
CA TRP B 105 -2.95 9.98 -3.98
C TRP B 105 -3.43 8.68 -3.30
N GLN B 106 -2.54 7.73 -3.11
CA GLN B 106 -2.89 6.45 -2.45
C GLN B 106 -2.93 6.59 -0.93
N ILE B 107 -2.54 7.74 -0.41
CA ILE B 107 -2.45 7.92 1.07
C ILE B 107 -3.49 8.92 1.59
N GLY B 108 -4.40 8.44 2.41
CA GLY B 108 -5.41 9.23 3.15
C GLY B 108 -4.85 9.63 4.49
N LYS B 109 -4.75 10.93 4.76
CA LYS B 109 -4.30 11.43 6.08
C LYS B 109 -4.95 12.79 6.36
N ILE B 110 -5.18 13.03 7.65
CA ILE B 110 -5.93 14.23 8.11
C ILE B 110 -5.23 15.50 7.60
N GLY B 111 -3.89 15.51 7.57
CA GLY B 111 -3.09 16.70 7.20
C GLY B 111 -3.31 17.07 5.74
N THR B 112 -3.43 16.08 4.87
CA THR B 112 -3.72 16.27 3.42
C THR B 112 -5.12 16.88 3.30
N ASN B 113 -6.08 16.30 4.01
CA ASN B 113 -7.47 16.78 4.02
C ASN B 113 -7.52 18.26 4.43
N MET B 114 -6.77 18.67 5.45
CA MET B 114 -6.80 20.07 5.92
C MET B 114 -6.13 21.03 4.93
N THR B 115 -5.34 20.55 3.94
CA THR B 115 -4.73 21.43 2.90
C THR B 115 -5.83 22.04 2.03
N PHE B 116 -7.04 21.49 2.08
CA PHE B 116 -8.19 21.93 1.24
C PHE B 116 -8.91 23.14 1.87
N LEU B 117 -8.68 23.44 3.14
CA LEU B 117 -9.44 24.49 3.88
C LEU B 117 -9.03 25.89 3.37
N PRO C 1 -15.70 -4.13 -2.98
CA PRO C 1 -14.52 -3.53 -2.34
C PRO C 1 -13.85 -4.47 -1.32
N PHE C 2 -12.54 -4.26 -1.07
CA PHE C 2 -11.76 -5.13 -0.14
C PHE C 2 -11.05 -4.25 0.91
N LEU C 3 -11.56 -4.33 2.14
CA LEU C 3 -11.02 -3.48 3.22
C LEU C 3 -10.22 -4.34 4.21
N GLU C 4 -9.07 -3.82 4.60
CA GLU C 4 -8.18 -4.54 5.56
C GLU C 4 -7.79 -3.53 6.63
N LEU C 5 -8.24 -3.78 7.87
CA LEU C 5 -8.00 -2.85 8.98
C LEU C 5 -7.03 -3.53 9.95
N ASP C 6 -5.83 -2.95 10.09
CA ASP C 6 -4.78 -3.39 11.05
C ASP C 6 -4.81 -2.43 12.24
N THR C 7 -4.80 -2.95 13.46
CA THR C 7 -4.75 -2.06 14.65
C THR C 7 -3.96 -2.75 15.75
N ASN C 8 -3.30 -1.94 16.57
CA ASN C 8 -2.58 -2.40 17.78
C ASN C 8 -3.50 -2.32 19.00
N LEU C 9 -4.78 -1.95 18.84
CA LEU C 9 -5.78 -2.16 19.92
C LEU C 9 -5.95 -3.65 20.13
N PRO C 10 -6.02 -4.10 21.40
CA PRO C 10 -6.39 -5.48 21.69
C PRO C 10 -7.80 -5.79 21.17
N ALA C 11 -8.07 -7.04 20.77
CA ALA C 11 -9.39 -7.50 20.28
C ALA C 11 -10.50 -6.96 21.19
N ASN C 12 -10.29 -6.94 22.50
CA ASN C 12 -11.35 -6.59 23.48
C ASN C 12 -11.53 -5.06 23.59
N ARG C 13 -10.74 -4.25 22.88
CA ARG C 13 -10.98 -2.78 22.77
C ARG C 13 -11.40 -2.45 21.33
N VAL C 14 -11.64 -3.46 20.51
CA VAL C 14 -12.24 -3.28 19.16
C VAL C 14 -13.74 -3.62 19.27
N PRO C 15 -14.66 -2.67 19.03
CA PRO C 15 -16.09 -2.93 19.22
C PRO C 15 -16.63 -4.13 18.42
N ALA C 16 -17.40 -5.01 19.09
CA ALA C 16 -18.04 -6.19 18.45
C ALA C 16 -18.83 -5.70 17.23
N GLY C 17 -18.71 -6.39 16.11
CA GLY C 17 -19.53 -6.08 14.92
C GLY C 17 -18.96 -4.92 14.12
N LEU C 18 -17.77 -4.39 14.47
CA LEU C 18 -17.10 -3.34 13.66
C LEU C 18 -17.07 -3.73 12.17
N GLU C 19 -16.69 -4.97 11.88
CA GLU C 19 -16.51 -5.44 10.48
C GLU C 19 -17.83 -5.28 9.74
N LYS C 20 -18.98 -5.49 10.40
CA LYS C 20 -20.30 -5.40 9.73
C LYS C 20 -20.64 -3.92 9.50
N ARG C 21 -20.37 -3.06 10.48
CA ARG C 21 -20.69 -1.60 10.40
C ARG C 21 -19.78 -0.97 9.36
N LEU C 22 -18.51 -1.37 9.30
CA LEU C 22 -17.56 -0.83 8.28
C LEU C 22 -17.99 -1.29 6.89
N CYS C 23 -18.47 -2.53 6.79
CA CYS C 23 -19.01 -3.05 5.51
C CYS C 23 -20.09 -2.10 5.00
N ALA C 24 -21.09 -1.81 5.83
CA ALA C 24 -22.20 -0.88 5.48
C ALA C 24 -21.64 0.51 5.21
N ALA C 25 -20.74 1.04 6.06
CA ALA C 25 -20.19 2.40 5.86
C ALA C 25 -19.47 2.47 4.51
N ALA C 26 -18.64 1.47 4.16
CA ALA C 26 -17.86 1.44 2.89
C ALA C 26 -18.80 1.36 1.67
N ALA C 27 -19.86 0.55 1.77
CA ALA C 27 -20.89 0.44 0.72
C ALA C 27 -21.39 1.83 0.39
N SER C 28 -21.76 2.59 1.43
CA SER C 28 -22.29 3.96 1.29
C SER C 28 -21.20 4.90 0.73
N ILE C 29 -20.01 4.90 1.32
CA ILE C 29 -18.92 5.85 0.96
C ILE C 29 -18.41 5.59 -0.47
N LEU C 30 -18.19 4.34 -0.83
CA LEU C 30 -17.62 3.96 -2.15
C LEU C 30 -18.74 3.83 -3.17
N GLY C 31 -20.00 3.84 -2.76
CA GLY C 31 -21.14 3.69 -3.71
C GLY C 31 -21.14 2.31 -4.35
N LYS C 32 -21.13 1.27 -3.53
CA LYS C 32 -21.05 -0.14 -3.99
C LYS C 32 -22.06 -0.95 -3.20
N PRO C 33 -22.67 -2.00 -3.78
CA PRO C 33 -23.57 -2.88 -3.05
C PRO C 33 -22.84 -3.53 -1.86
N ALA C 34 -23.45 -3.46 -0.67
CA ALA C 34 -22.94 -4.01 0.60
C ALA C 34 -22.55 -5.48 0.44
N ASP C 35 -23.25 -6.22 -0.43
CA ASP C 35 -23.02 -7.65 -0.74
C ASP C 35 -21.74 -7.84 -1.58
N ARG C 36 -21.06 -6.76 -1.97
CA ARG C 36 -19.77 -6.86 -2.71
C ARG C 36 -18.67 -6.25 -1.82
N VAL C 37 -19.00 -5.89 -0.59
CA VAL C 37 -18.01 -5.21 0.30
C VAL C 37 -17.42 -6.23 1.27
N ASN C 38 -16.09 -6.31 1.29
CA ASN C 38 -15.39 -7.28 2.15
C ASN C 38 -14.55 -6.54 3.19
N VAL C 39 -14.59 -7.00 4.44
CA VAL C 39 -13.85 -6.33 5.55
C VAL C 39 -13.09 -7.35 6.37
N THR C 40 -11.81 -7.10 6.58
CA THR C 40 -10.97 -7.98 7.41
C THR C 40 -10.36 -7.10 8.50
N VAL C 41 -10.54 -7.48 9.76
CA VAL C 41 -9.94 -6.76 10.92
C VAL C 41 -8.90 -7.67 11.59
N ARG C 42 -7.69 -7.12 11.82
CA ARG C 42 -6.54 -7.81 12.44
C ARG C 42 -6.13 -7.00 13.67
N PRO C 43 -6.70 -7.28 14.85
CA PRO C 43 -6.38 -6.55 16.07
C PRO C 43 -5.13 -7.10 16.78
N GLY C 44 -4.71 -6.43 17.85
CA GLY C 44 -3.64 -6.90 18.76
C GLY C 44 -2.26 -6.96 18.11
N LEU C 45 -2.04 -6.20 17.04
CA LEU C 45 -0.75 -6.17 16.31
C LEU C 45 0.19 -5.22 17.06
N ALA C 46 1.50 -5.30 16.77
CA ALA C 46 2.52 -4.34 17.22
C ALA C 46 2.71 -3.32 16.09
N MET C 47 2.36 -2.07 16.34
CA MET C 47 2.33 -1.04 15.29
C MET C 47 3.03 0.25 15.75
N ALA C 48 3.64 0.88 14.76
CA ALA C 48 4.15 2.26 14.93
C ALA C 48 3.46 3.03 13.80
N LEU C 49 2.79 4.13 14.14
CA LEU C 49 2.16 4.98 13.11
C LEU C 49 2.71 6.39 13.28
N SER C 50 3.22 6.94 12.19
CA SER C 50 3.84 8.28 12.25
C SER C 50 4.92 8.27 13.35
N GLY C 51 5.66 7.16 13.45
CA GLY C 51 6.78 7.04 14.42
C GLY C 51 6.38 6.71 15.85
N SER C 52 5.08 6.54 16.12
CA SER C 52 4.58 6.36 17.51
C SER C 52 3.86 5.01 17.67
N THR C 53 4.12 4.36 18.80
CA THR C 53 3.47 3.06 19.11
C THR C 53 2.17 3.27 19.91
N GLU C 54 1.66 4.50 20.07
CA GLU C 54 0.34 4.75 20.70
C GLU C 54 -0.74 4.04 19.90
N PRO C 55 -1.94 3.81 20.49
CA PRO C 55 -3.02 3.16 19.76
C PRO C 55 -3.18 3.83 18.39
N CYS C 56 -3.39 3.03 17.35
CA CYS C 56 -3.52 3.49 15.96
C CYS C 56 -4.19 2.40 15.13
N ALA C 57 -4.46 2.74 13.87
CA ALA C 57 -5.01 1.80 12.88
C ALA C 57 -4.62 2.26 11.47
N GLN C 58 -4.41 1.28 10.59
CA GLN C 58 -4.31 1.46 9.13
C GLN C 58 -5.45 0.72 8.46
N LEU C 59 -6.14 1.40 7.55
CA LEU C 59 -7.19 0.81 6.70
C LEU C 59 -6.69 0.79 5.25
N SER C 60 -6.56 -0.41 4.68
CA SER C 60 -6.25 -0.55 3.24
C SER C 60 -7.59 -0.68 2.50
N ILE C 61 -7.75 0.06 1.41
CA ILE C 61 -9.00 -0.01 0.62
C ILE C 61 -8.63 -0.37 -0.83
N SER C 62 -9.09 -1.53 -1.26
CA SER C 62 -8.80 -2.03 -2.63
C SER C 62 -10.10 -2.12 -3.41
N SER C 63 -10.22 -1.35 -4.48
CA SER C 63 -11.48 -1.33 -5.27
C SER C 63 -11.27 -0.77 -6.68
N ILE C 64 -12.06 -1.24 -7.64
CA ILE C 64 -12.03 -0.71 -9.04
C ILE C 64 -12.42 0.76 -9.02
N GLY C 65 -11.51 1.63 -9.45
CA GLY C 65 -11.69 3.10 -9.45
C GLY C 65 -11.82 3.68 -8.05
N VAL C 66 -11.10 3.15 -7.06
CA VAL C 66 -11.26 3.61 -5.65
C VAL C 66 -10.90 5.10 -5.58
N VAL C 67 -9.88 5.51 -6.31
CA VAL C 67 -9.50 6.95 -6.36
C VAL C 67 -9.33 7.40 -7.81
N GLY C 68 -10.33 8.09 -8.34
CA GLY C 68 -10.29 8.68 -9.69
C GLY C 68 -9.56 10.02 -9.66
N THR C 69 -9.72 10.76 -8.56
CA THR C 69 -9.17 12.12 -8.40
C THR C 69 -8.64 12.32 -6.97
N ALA C 70 -7.84 13.36 -6.73
CA ALA C 70 -7.40 13.68 -5.34
C ALA C 70 -8.63 14.04 -4.49
N GLU C 71 -9.68 14.52 -5.13
CA GLU C 71 -10.94 14.84 -4.45
C GLU C 71 -11.54 13.55 -3.84
N ASP C 72 -11.48 12.43 -4.54
CA ASP C 72 -11.94 11.13 -4.00
C ASP C 72 -11.11 10.75 -2.76
N ASN C 73 -9.80 10.91 -2.88
CA ASN C 73 -8.90 10.61 -1.73
C ASN C 73 -9.37 11.40 -0.51
N ARG C 74 -9.65 12.68 -0.68
CA ARG C 74 -10.07 13.56 0.44
C ARG C 74 -11.43 13.13 0.99
N SER C 75 -12.42 12.98 0.11
CA SER C 75 -13.81 12.65 0.54
C SER C 75 -13.87 11.26 1.20
N HIS C 76 -13.34 10.25 0.52
CA HIS C 76 -13.33 8.87 1.10
C HIS C 76 -12.63 8.88 2.46
N SER C 77 -11.44 9.50 2.51
CA SER C 77 -10.65 9.57 3.76
C SER C 77 -11.46 10.24 4.88
N ALA C 78 -12.07 11.36 4.55
CA ALA C 78 -12.86 12.11 5.57
C ALA C 78 -13.93 11.19 6.14
N HIS C 79 -14.66 10.52 5.25
CA HIS C 79 -15.77 9.65 5.67
C HIS C 79 -15.26 8.51 6.55
N PHE C 80 -14.18 7.88 6.12
CA PHE C 80 -13.63 6.72 6.86
C PHE C 80 -12.99 7.18 8.18
N PHE C 81 -12.43 8.40 8.20
CA PHE C 81 -11.87 8.93 9.45
C PHE C 81 -13.01 9.13 10.46
N GLU C 82 -14.09 9.74 9.98
CA GLU C 82 -15.27 9.98 10.84
C GLU C 82 -15.74 8.64 11.43
N PHE C 83 -15.81 7.62 10.59
CA PHE C 83 -16.27 6.29 11.06
C PHE C 83 -15.29 5.68 12.08
N LEU C 84 -13.99 5.65 11.76
CA LEU C 84 -13.01 4.92 12.59
C LEU C 84 -12.67 5.66 13.89
N THR C 85 -12.60 6.98 13.82
CA THR C 85 -12.29 7.77 15.02
C THR C 85 -13.35 7.45 16.07
N LYS C 86 -14.62 7.47 15.67
CA LYS C 86 -15.79 7.23 16.56
C LYS C 86 -15.74 5.79 17.07
N GLU C 87 -15.55 4.83 16.18
CA GLU C 87 -15.57 3.40 16.55
C GLU C 87 -14.36 2.99 17.41
N LEU C 88 -13.18 3.52 17.10
CA LEU C 88 -11.95 3.01 17.78
C LEU C 88 -11.48 3.96 18.88
N ALA C 89 -12.16 5.07 19.10
CA ALA C 89 -11.80 6.06 20.14
C ALA C 89 -10.36 6.52 19.88
N LEU C 90 -9.99 6.73 18.62
CA LEU C 90 -8.64 7.21 18.18
C LEU C 90 -8.80 8.64 17.66
N GLY C 91 -7.76 9.44 17.81
CA GLY C 91 -7.67 10.76 17.15
C GLY C 91 -7.39 10.59 15.66
N GLN C 92 -7.67 11.64 14.89
CA GLN C 92 -7.55 11.64 13.41
C GLN C 92 -6.11 11.35 12.98
N ASP C 93 -5.15 11.74 13.81
CA ASP C 93 -3.70 11.58 13.48
C ASP C 93 -3.22 10.14 13.74
N ARG C 94 -4.08 9.29 14.30
CA ARG C 94 -3.70 7.90 14.63
C ARG C 94 -4.30 6.93 13.61
N ILE C 95 -4.78 7.45 12.49
CA ILE C 95 -5.38 6.60 11.44
C ILE C 95 -4.78 7.00 10.11
N LEU C 96 -4.36 6.00 9.34
CA LEU C 96 -3.90 6.25 7.95
C LEU C 96 -4.69 5.31 7.03
N ILE C 97 -5.07 5.82 5.87
CA ILE C 97 -5.75 5.02 4.82
C ILE C 97 -4.77 4.83 3.67
N ARG C 98 -4.73 3.63 3.11
CA ARG C 98 -4.07 3.36 1.81
C ARG C 98 -5.14 2.88 0.83
N PHE C 99 -5.13 3.52 -0.32
CA PHE C 99 -6.03 3.15 -1.43
C PHE C 99 -5.23 2.38 -2.47
N PHE C 100 -5.77 1.26 -2.91
CA PHE C 100 -5.12 0.43 -3.94
C PHE C 100 -6.07 0.23 -5.11
N PRO C 101 -5.62 0.56 -6.33
CA PRO C 101 -6.44 0.36 -7.51
C PRO C 101 -6.60 -1.12 -7.83
N LEU C 102 -7.73 -1.45 -8.44
CA LEU C 102 -7.98 -2.85 -8.82
C LEU C 102 -8.64 -2.88 -10.20
N GLU C 103 -8.45 -3.98 -10.91
CA GLU C 103 -9.10 -4.23 -12.23
C GLU C 103 -9.85 -5.57 -12.14
N SER C 104 -10.98 -5.71 -12.82
CA SER C 104 -11.86 -6.91 -12.74
C SER C 104 -11.02 -8.17 -13.00
N TRP C 105 -9.99 -8.07 -13.82
CA TRP C 105 -9.18 -9.25 -14.24
C TRP C 105 -8.35 -9.78 -13.07
N GLN C 106 -8.18 -8.98 -12.04
CA GLN C 106 -7.38 -9.38 -10.85
C GLN C 106 -8.25 -10.12 -9.84
N ILE C 107 -9.56 -10.23 -10.08
CA ILE C 107 -10.49 -10.88 -9.10
C ILE C 107 -10.84 -12.29 -9.57
N GLY C 108 -10.71 -13.25 -8.66
CA GLY C 108 -11.19 -14.63 -8.89
C GLY C 108 -12.42 -14.80 -8.03
N LYS C 109 -13.54 -15.18 -8.62
CA LYS C 109 -14.83 -15.23 -7.88
C LYS C 109 -15.78 -16.30 -8.44
N ILE C 110 -16.63 -17.02 -7.62
CA ILE C 110 -17.60 -18.11 -7.95
C ILE C 110 -18.38 -18.48 -6.68
N PRO D 1 6.30 -17.33 -5.90
CA PRO D 1 4.96 -16.75 -5.66
C PRO D 1 4.73 -16.43 -4.18
N PHE D 2 3.92 -15.40 -3.91
CA PHE D 2 3.53 -14.99 -2.54
C PHE D 2 2.01 -15.11 -2.36
N LEU D 3 1.59 -16.05 -1.51
CA LEU D 3 0.16 -16.30 -1.19
C LEU D 3 -0.12 -15.84 0.24
N GLU D 4 -1.15 -15.02 0.42
CA GLU D 4 -1.57 -14.50 1.74
C GLU D 4 -3.05 -14.83 1.91
N LEU D 5 -3.35 -15.65 2.91
CA LEU D 5 -4.70 -16.16 3.20
C LEU D 5 -5.14 -15.59 4.57
N ASP D 6 -6.19 -14.76 4.54
CA ASP D 6 -6.92 -14.29 5.75
C ASP D 6 -8.18 -15.14 5.92
N THR D 7 -8.51 -15.52 7.15
CA THR D 7 -9.71 -16.33 7.44
C THR D 7 -10.23 -16.04 8.85
N ASN D 8 -11.54 -16.13 9.04
CA ASN D 8 -12.17 -15.99 10.37
C ASN D 8 -12.28 -17.37 11.02
N LEU D 9 -11.92 -18.43 10.29
CA LEU D 9 -11.78 -19.78 10.89
C LEU D 9 -10.74 -19.66 11.98
N PRO D 10 -11.02 -20.19 13.19
CA PRO D 10 -10.02 -20.20 14.25
C PRO D 10 -8.84 -21.07 13.79
N ALA D 11 -7.66 -20.86 14.36
CA ALA D 11 -6.43 -21.64 14.10
C ALA D 11 -6.75 -23.15 14.13
N ASN D 12 -7.60 -23.56 15.07
CA ASN D 12 -7.90 -24.98 15.39
C ASN D 12 -8.72 -25.63 14.28
N ARG D 13 -9.22 -24.85 13.31
CA ARG D 13 -10.08 -25.37 12.22
C ARG D 13 -9.37 -25.12 10.88
N VAL D 14 -8.11 -24.68 10.93
CA VAL D 14 -7.21 -24.69 9.74
C VAL D 14 -6.43 -26.00 9.80
N PRO D 15 -6.61 -26.90 8.81
CA PRO D 15 -6.00 -28.21 8.88
C PRO D 15 -4.47 -28.21 8.96
N ALA D 16 -3.90 -29.01 9.87
CA ALA D 16 -2.43 -29.11 9.96
C ALA D 16 -1.87 -29.47 8.58
N GLY D 17 -0.71 -28.90 8.21
CA GLY D 17 -0.06 -29.23 6.92
C GLY D 17 -0.62 -28.45 5.75
N LEU D 18 -1.51 -27.49 6.02
CA LEU D 18 -2.16 -26.71 4.93
C LEU D 18 -1.11 -25.82 4.27
N GLU D 19 -0.22 -25.22 5.08
CA GLU D 19 0.71 -24.28 4.42
C GLU D 19 1.38 -24.91 3.19
N LYS D 20 1.93 -26.04 3.47
CA LYS D 20 2.81 -26.82 2.56
C LYS D 20 1.98 -27.42 1.41
N ARG D 21 0.80 -27.95 1.74
CA ARG D 21 -0.07 -28.45 0.65
C ARG D 21 -0.35 -27.29 -0.32
N LEU D 22 -0.63 -26.10 0.21
CA LEU D 22 -0.94 -24.92 -0.65
C LEU D 22 0.32 -24.52 -1.44
N CYS D 23 1.49 -24.74 -0.85
CA CYS D 23 2.77 -24.46 -1.56
C CYS D 23 2.87 -25.35 -2.81
N ALA D 24 2.60 -26.64 -2.65
CA ALA D 24 2.68 -27.60 -3.77
C ALA D 24 1.62 -27.31 -4.83
N ALA D 25 0.39 -27.08 -4.39
CA ALA D 25 -0.69 -26.75 -5.35
C ALA D 25 -0.28 -25.53 -6.17
N ALA D 26 0.19 -24.49 -5.48
CA ALA D 26 0.50 -23.23 -6.18
C ALA D 26 1.60 -23.47 -7.19
N ALA D 27 2.61 -24.25 -6.80
CA ALA D 27 3.74 -24.55 -7.68
C ALA D 27 3.20 -25.23 -8.93
N SER D 28 2.30 -26.21 -8.75
CA SER D 28 1.66 -26.93 -9.88
C SER D 28 0.82 -25.96 -10.70
N ILE D 29 -0.17 -25.28 -10.08
CA ILE D 29 -1.13 -24.42 -10.85
C ILE D 29 -0.44 -23.27 -11.59
N LEU D 30 0.57 -22.66 -11.00
CA LEU D 30 1.21 -21.44 -11.59
C LEU D 30 2.46 -21.82 -12.39
N GLY D 31 2.81 -23.11 -12.40
CA GLY D 31 4.03 -23.64 -13.03
C GLY D 31 5.26 -22.92 -12.51
N LYS D 32 5.47 -22.93 -11.19
CA LYS D 32 6.66 -22.33 -10.57
C LYS D 32 7.21 -23.34 -9.57
N PRO D 33 8.51 -23.31 -9.22
CA PRO D 33 9.08 -24.29 -8.32
C PRO D 33 8.57 -24.15 -6.88
N ALA D 34 8.35 -25.26 -6.20
CA ALA D 34 7.76 -25.25 -4.85
C ALA D 34 8.64 -24.51 -3.85
N ASP D 35 9.95 -24.59 -4.04
CA ASP D 35 10.90 -23.98 -3.10
C ASP D 35 10.88 -22.45 -3.25
N ARG D 36 10.15 -21.93 -4.24
CA ARG D 36 10.01 -20.46 -4.40
C ARG D 36 8.58 -20.03 -4.03
N VAL D 37 7.81 -20.96 -3.50
CA VAL D 37 6.40 -20.66 -3.14
C VAL D 37 6.33 -20.21 -1.69
N ASN D 38 5.58 -19.15 -1.44
CA ASN D 38 5.44 -18.59 -0.08
C ASN D 38 3.97 -18.51 0.28
N VAL D 39 3.62 -18.92 1.48
CA VAL D 39 2.23 -18.94 2.00
C VAL D 39 2.26 -18.35 3.40
N THR D 40 1.37 -17.39 3.64
CA THR D 40 1.07 -16.82 4.97
C THR D 40 -0.40 -17.05 5.24
N VAL D 41 -0.72 -17.70 6.35
CA VAL D 41 -2.12 -17.85 6.80
C VAL D 41 -2.29 -17.02 8.07
N ARG D 42 -3.35 -16.23 8.11
CA ARG D 42 -3.72 -15.36 9.24
C ARG D 42 -5.12 -15.77 9.67
N PRO D 43 -5.22 -16.71 10.63
CA PRO D 43 -6.51 -17.21 11.08
C PRO D 43 -7.07 -16.37 12.24
N GLY D 44 -8.31 -16.67 12.58
CA GLY D 44 -9.02 -16.12 13.75
C GLY D 44 -9.25 -14.63 13.62
N LEU D 45 -9.28 -14.10 12.40
CA LEU D 45 -9.56 -12.66 12.13
C LEU D 45 -11.07 -12.44 12.19
N ALA D 46 -11.54 -11.22 12.43
CA ALA D 46 -12.96 -10.83 12.25
C ALA D 46 -13.16 -10.43 10.78
N MET D 47 -14.03 -11.13 10.09
CA MET D 47 -14.15 -10.90 8.64
C MET D 47 -15.58 -10.84 8.15
N ALA D 48 -15.83 -9.99 7.15
CA ALA D 48 -17.15 -9.96 6.48
C ALA D 48 -16.83 -10.20 5.01
N LEU D 49 -17.46 -11.20 4.42
CA LEU D 49 -17.23 -11.49 2.97
C LEU D 49 -18.60 -11.50 2.25
N SER D 50 -18.68 -10.76 1.16
CA SER D 50 -19.94 -10.63 0.37
C SER D 50 -21.06 -10.28 1.36
N GLY D 51 -20.71 -9.47 2.37
CA GLY D 51 -21.70 -9.00 3.36
C GLY D 51 -21.90 -9.90 4.55
N SER D 52 -21.37 -11.13 4.54
CA SER D 52 -21.68 -12.07 5.64
C SER D 52 -20.46 -12.34 6.52
N THR D 53 -20.69 -12.51 7.82
CA THR D 53 -19.58 -12.88 8.74
C THR D 53 -19.54 -14.41 8.94
N GLU D 54 -20.20 -15.20 8.10
CA GLU D 54 -20.04 -16.68 8.11
C GLU D 54 -18.57 -17.03 7.83
N PRO D 55 -18.11 -18.26 8.14
CA PRO D 55 -16.75 -18.66 7.78
C PRO D 55 -16.41 -18.40 6.30
N CYS D 56 -15.24 -17.83 6.08
CA CYS D 56 -14.79 -17.37 4.74
C CYS D 56 -13.26 -17.28 4.73
N ALA D 57 -12.70 -17.13 3.54
CA ALA D 57 -11.24 -16.97 3.35
C ALA D 57 -10.98 -16.02 2.17
N GLN D 58 -9.98 -15.15 2.34
CA GLN D 58 -9.51 -14.26 1.25
C GLN D 58 -8.08 -14.69 0.92
N LEU D 59 -7.81 -14.84 -0.38
CA LEU D 59 -6.46 -15.24 -0.84
C LEU D 59 -5.88 -14.20 -1.82
N SER D 60 -4.66 -13.74 -1.53
CA SER D 60 -3.94 -12.82 -2.44
C SER D 60 -2.79 -13.61 -3.07
N ILE D 61 -2.73 -13.58 -4.38
CA ILE D 61 -1.67 -14.35 -5.10
C ILE D 61 -0.82 -13.34 -5.88
N SER D 62 0.45 -13.26 -5.50
CA SER D 62 1.37 -12.30 -6.15
C SER D 62 2.52 -13.07 -6.78
N SER D 63 2.72 -12.87 -8.07
CA SER D 63 3.81 -13.59 -8.79
C SER D 63 4.19 -12.83 -10.06
N ILE D 64 5.23 -13.29 -10.73
CA ILE D 64 5.76 -12.57 -11.91
C ILE D 64 5.27 -13.20 -13.22
N GLY D 65 4.78 -12.35 -14.13
CA GLY D 65 4.39 -12.82 -15.48
C GLY D 65 3.28 -13.84 -15.64
N VAL D 66 2.74 -14.41 -14.57
CA VAL D 66 1.76 -15.52 -14.74
C VAL D 66 0.33 -15.15 -14.31
N VAL D 67 0.14 -14.12 -13.49
CA VAL D 67 -1.21 -13.74 -12.97
C VAL D 67 -1.58 -12.35 -13.50
N GLY D 68 -1.29 -12.08 -14.77
CA GLY D 68 -1.50 -10.71 -15.32
C GLY D 68 -2.54 -10.65 -16.42
N THR D 69 -3.24 -11.76 -16.68
CA THR D 69 -4.33 -11.78 -17.69
C THR D 69 -5.58 -12.45 -17.12
N ALA D 70 -6.74 -12.07 -17.61
CA ALA D 70 -8.01 -12.66 -17.12
C ALA D 70 -8.12 -14.13 -17.55
N GLU D 71 -7.52 -14.47 -18.70
CA GLU D 71 -7.56 -15.87 -19.18
C GLU D 71 -6.75 -16.67 -18.18
N ASP D 72 -5.55 -16.18 -17.88
CA ASP D 72 -4.67 -16.94 -16.96
C ASP D 72 -5.34 -17.05 -15.59
N ASN D 73 -5.91 -15.96 -15.08
CA ASN D 73 -6.43 -15.99 -13.69
C ASN D 73 -7.73 -16.80 -13.52
N ARG D 74 -8.59 -16.84 -14.55
CA ARG D 74 -9.84 -17.63 -14.47
C ARG D 74 -9.51 -19.11 -14.31
N SER D 75 -8.47 -19.54 -14.99
CA SER D 75 -8.02 -20.95 -14.85
C SER D 75 -7.44 -21.13 -13.44
N HIS D 76 -6.45 -20.32 -13.10
CA HIS D 76 -5.80 -20.44 -11.76
C HIS D 76 -6.85 -20.42 -10.66
N SER D 77 -7.85 -19.54 -10.78
CA SER D 77 -8.84 -19.37 -9.69
C SER D 77 -9.55 -20.69 -9.43
N ALA D 78 -10.05 -21.31 -10.49
CA ALA D 78 -10.82 -22.56 -10.35
C ALA D 78 -10.00 -23.58 -9.57
N HIS D 79 -8.73 -23.73 -9.97
CA HIS D 79 -7.84 -24.72 -9.32
C HIS D 79 -7.73 -24.39 -7.83
N PHE D 80 -7.44 -23.13 -7.50
CA PHE D 80 -7.28 -22.71 -6.08
C PHE D 80 -8.62 -22.85 -5.35
N PHE D 81 -9.71 -22.48 -6.02
CA PHE D 81 -11.06 -22.68 -5.42
C PHE D 81 -11.24 -24.16 -5.09
N GLU D 82 -10.90 -25.04 -6.03
CA GLU D 82 -11.04 -26.50 -5.83
C GLU D 82 -10.22 -26.87 -4.60
N PHE D 83 -8.99 -26.38 -4.50
CA PHE D 83 -8.13 -26.71 -3.34
C PHE D 83 -8.71 -26.16 -2.04
N LEU D 84 -8.97 -24.85 -1.96
CA LEU D 84 -9.37 -24.23 -0.67
C LEU D 84 -10.75 -24.67 -0.20
N THR D 85 -11.72 -24.75 -1.12
CA THR D 85 -13.10 -25.13 -0.74
C THR D 85 -13.04 -26.46 0.02
N LYS D 86 -12.28 -27.43 -0.50
CA LYS D 86 -12.15 -28.76 0.14
C LYS D 86 -11.33 -28.68 1.42
N GLU D 87 -10.16 -28.04 1.34
CA GLU D 87 -9.27 -27.94 2.51
C GLU D 87 -9.94 -27.24 3.70
N LEU D 88 -10.67 -26.14 3.47
CA LEU D 88 -11.20 -25.34 4.61
C LEU D 88 -12.68 -25.64 4.92
N ALA D 89 -13.32 -26.55 4.19
CA ALA D 89 -14.76 -26.87 4.34
C ALA D 89 -15.58 -25.59 4.19
N LEU D 90 -15.35 -24.85 3.09
CA LEU D 90 -16.08 -23.61 2.73
C LEU D 90 -16.79 -23.80 1.39
N GLY D 91 -18.02 -23.27 1.27
CA GLY D 91 -18.67 -23.03 -0.04
C GLY D 91 -17.82 -22.17 -0.95
N GLN D 92 -18.04 -22.24 -2.26
CA GLN D 92 -17.29 -21.39 -3.22
C GLN D 92 -17.74 -19.94 -3.14
N ASP D 93 -18.87 -19.67 -2.47
CA ASP D 93 -19.32 -18.26 -2.25
C ASP D 93 -18.59 -17.64 -1.04
N ARG D 94 -17.78 -18.41 -0.32
CA ARG D 94 -17.11 -17.92 0.92
C ARG D 94 -15.60 -17.78 0.71
N ILE D 95 -15.19 -17.81 -0.56
CA ILE D 95 -13.75 -17.61 -0.91
C ILE D 95 -13.71 -16.56 -2.01
N LEU D 96 -12.82 -15.57 -1.87
CA LEU D 96 -12.45 -14.62 -2.94
C LEU D 96 -10.92 -14.56 -3.04
N ILE D 97 -10.46 -14.43 -4.28
CA ILE D 97 -9.00 -14.43 -4.56
C ILE D 97 -8.69 -13.13 -5.28
N ARG D 98 -7.50 -12.60 -5.07
CA ARG D 98 -7.07 -11.40 -5.82
C ARG D 98 -5.68 -11.69 -6.37
N PHE D 99 -5.43 -11.35 -7.62
CA PHE D 99 -4.12 -11.57 -8.27
C PHE D 99 -3.36 -10.25 -8.41
N PHE D 100 -2.08 -10.29 -8.06
CA PHE D 100 -1.27 -9.06 -8.08
C PHE D 100 0.06 -9.34 -8.77
N PRO D 101 0.22 -8.87 -10.02
CA PRO D 101 1.48 -9.05 -10.73
C PRO D 101 2.67 -8.40 -10.01
N LEU D 102 3.78 -9.13 -9.90
CA LEU D 102 5.02 -8.59 -9.32
C LEU D 102 6.08 -8.52 -10.42
N GLU D 103 7.01 -7.59 -10.30
CA GLU D 103 8.17 -7.53 -11.21
C GLU D 103 9.41 -7.93 -10.42
N SER D 104 10.36 -8.55 -11.10
CA SER D 104 11.67 -8.98 -10.56
C SER D 104 12.25 -7.92 -9.63
N TRP D 105 12.27 -6.65 -10.03
CA TRP D 105 12.91 -5.58 -9.24
C TRP D 105 12.36 -5.50 -7.81
N GLN D 106 11.10 -5.88 -7.64
CA GLN D 106 10.43 -5.74 -6.32
C GLN D 106 10.99 -6.73 -5.29
N ILE D 107 11.63 -7.81 -5.72
CA ILE D 107 11.99 -8.87 -4.73
C ILE D 107 13.42 -8.79 -4.17
N GLY D 108 13.52 -8.62 -2.85
CA GLY D 108 14.81 -8.61 -2.16
C GLY D 108 15.02 -9.93 -1.43
OAH 7L9 E . 22.00 24.72 -0.25
CAG 7L9 E . 21.78 25.80 0.33
OAI 7L9 E . 22.20 25.98 1.49
CAE 7L9 E . 20.98 26.74 -0.31
CAD 7L9 E . 19.90 26.21 -0.97
CAF 7L9 E . 21.17 28.11 -0.36
CAA 7L9 E . 20.25 28.88 -1.08
CAB 7L9 E . 19.15 28.31 -1.72
CAC 7L9 E . 18.99 26.94 -1.67
CAJ 7L9 E . 17.98 26.17 -2.21
CAK 7L9 E . 18.21 25.36 -3.32
CAL 7L9 E . 17.20 24.56 -3.81
CAS 7L9 E . 17.39 23.77 -4.94
OAU 7L9 E . 16.72 22.73 -5.10
OAT 7L9 E . 18.25 24.06 -5.77
NAM 7L9 E . 16.01 24.55 -3.22
CAN 7L9 E . 15.76 25.34 -2.10
CAO 7L9 E . 16.75 26.13 -1.58
CAP 7L9 E . 16.47 26.89 -0.46
OAR 7L9 E . 15.46 27.63 -0.46
OAQ 7L9 E . 17.18 26.81 0.56
C1 CIT F . 7.69 10.80 2.94
O1 CIT F . 8.27 10.11 3.80
O2 CIT F . 8.20 11.80 2.39
C2 CIT F . 6.27 10.45 2.55
C3 CIT F . 5.85 8.98 2.77
O7 CIT F . 5.95 8.66 4.15
C4 CIT F . 4.39 8.85 2.34
C5 CIT F . 3.42 9.72 3.13
O3 CIT F . 3.12 9.32 4.27
O4 CIT F . 3.02 10.79 2.62
C6 CIT F . 6.73 8.03 1.90
O5 CIT F . 6.99 6.91 2.36
O6 CIT F . 7.11 8.44 0.78
#